data_7IAZ
#
_entry.id   7IAZ
#
_cell.length_a   60.620
_cell.length_b   60.620
_cell.length_c   215.270
_cell.angle_alpha   90.00
_cell.angle_beta   90.00
_cell.angle_gamma   90.00
#
_symmetry.space_group_name_H-M   'P 43 21 2'
#
loop_
_entity.id
_entity.type
_entity.pdbx_description
1 polymer 'NS2B co-factor'
2 polymer 'NS3 protease'
3 non-polymer 2-amino-5-bromopyridine-3-carboxamide
4 water water
#
loop_
_entity_poly.entity_id
_entity_poly.type
_entity_poly.pdbx_seq_one_letter_code
_entity_poly.pdbx_strand_id
1 'polypeptide(L)' MTGKSVDMYIERAGDITWEKDAEVTGNSPRLDVALDESGDFSLVEEDGPPMRE A,C
2 'polypeptide(L)'
;GALWDVPAPKEVKKGETTDGVYRVMTRRLLGSTQVGVGVMQEGVFHTMWHVTKGAALRSGEGRLDPYWGDVKQDLVSYCG
PWKLDAAWDGLSEVQLLAVPPGERAKNIQTLPGIFKTKDGDIGAVALDYPAGTSGSPILDKSGRVIGLYGNGVVIKNGSY
VSAITQGKREEETPVE
;
B,D
#
loop_
_chem_comp.id
_chem_comp.type
_chem_comp.name
_chem_comp.formula
A1CDV non-polymer 2-amino-5-bromopyridine-3-carboxamide 'C6 H6 Br N3 O'
#
# COMPACT_ATOMS: atom_id res chain seq x y z
N VAL A 6 15.04 13.34 14.50
CA VAL A 6 14.06 12.76 13.60
C VAL A 6 13.65 13.74 12.51
N ASP A 7 14.19 13.52 11.31
CA ASP A 7 13.98 14.42 10.18
C ASP A 7 12.65 14.08 9.52
N MET A 8 11.68 14.97 9.65
CA MET A 8 10.40 14.87 8.95
C MET A 8 10.42 15.89 7.82
N TYR A 9 10.06 15.47 6.60
CA TYR A 9 10.24 16.33 5.43
C TYR A 9 9.20 16.01 4.36
N ILE A 10 9.00 16.96 3.45
CA ILE A 10 7.96 16.85 2.44
C ILE A 10 8.55 16.90 1.04
N GLU A 11 7.92 16.15 0.13
CA GLU A 11 8.27 16.11 -1.29
C GLU A 11 7.01 16.22 -2.13
N ARG A 12 7.05 17.07 -3.15
CA ARG A 12 5.88 17.28 -4.00
C ARG A 12 5.57 16.00 -4.77
N ALA A 13 4.27 15.65 -4.84
CA ALA A 13 3.82 14.47 -5.56
C ALA A 13 2.89 14.75 -6.73
N GLY A 14 2.34 15.95 -6.84
CA GLY A 14 1.44 16.23 -7.94
C GLY A 14 0.61 17.47 -7.74
N ASP A 15 -0.10 17.84 -8.80
CA ASP A 15 -1.12 18.87 -8.76
C ASP A 15 -2.38 18.30 -8.12
N ILE A 16 -3.21 19.19 -7.57
CA ILE A 16 -4.53 18.80 -7.12
C ILE A 16 -5.49 19.06 -8.27
N THR A 17 -5.99 17.99 -8.89
N THR A 17 -5.97 17.99 -8.90
CA THR A 17 -6.83 18.09 -10.07
CA THR A 17 -6.87 18.11 -10.04
C THR A 17 -7.79 16.90 -10.08
C THR A 17 -7.83 16.93 -10.01
N TRP A 18 -8.98 17.14 -10.64
CA TRP A 18 -9.91 16.08 -10.94
C TRP A 18 -9.49 15.41 -12.25
N GLU A 19 -9.57 14.07 -12.30
CA GLU A 19 -9.17 13.30 -13.47
C GLU A 19 -10.38 12.55 -14.01
N LYS A 20 -10.76 12.85 -15.26
CA LYS A 20 -11.95 12.24 -15.86
C LYS A 20 -11.84 10.72 -15.94
N ASP A 21 -10.62 10.19 -16.08
CA ASP A 21 -10.41 8.78 -16.40
C ASP A 21 -10.19 7.93 -15.16
N ALA A 22 -10.69 8.34 -14.01
CA ALA A 22 -10.29 7.72 -12.75
C ALA A 22 -11.05 6.44 -12.48
N GLU A 23 -10.33 5.46 -11.93
CA GLU A 23 -10.94 4.29 -11.30
C GLU A 23 -12.08 4.70 -10.38
N VAL A 24 -13.13 3.89 -10.33
CA VAL A 24 -14.31 4.18 -9.52
C VAL A 24 -14.62 2.94 -8.69
N THR A 25 -14.70 3.10 -7.38
CA THR A 25 -14.96 1.96 -6.52
C THR A 25 -15.46 2.47 -5.17
N GLY A 26 -15.93 1.54 -4.35
CA GLY A 26 -16.31 1.82 -2.97
C GLY A 26 -17.79 2.01 -2.79
N ASN A 27 -18.32 1.56 -1.65
N ASN A 27 -18.29 1.62 -1.61
CA ASN A 27 -19.74 1.72 -1.37
CA ASN A 27 -19.70 1.78 -1.26
C ASN A 27 -19.93 2.99 -0.54
C ASN A 27 -19.94 3.15 -0.63
N SER A 28 -21.17 3.21 -0.06
N SER A 28 -21.13 3.33 -0.05
CA SER A 28 -21.54 4.47 0.59
CA SER A 28 -21.54 4.57 0.61
C SER A 28 -22.35 4.20 1.85
C SER A 28 -22.33 4.26 1.86
N PRO A 29 -21.69 3.66 2.87
CA PRO A 29 -22.41 3.27 4.08
C PRO A 29 -22.87 4.48 4.89
N ARG A 30 -24.03 4.34 5.53
CA ARG A 30 -24.59 5.36 6.41
C ARG A 30 -24.42 4.83 7.82
N LEU A 31 -23.64 5.53 8.65
CA LEU A 31 -23.17 5.02 9.93
C LEU A 31 -23.41 6.06 11.00
N ASP A 32 -24.03 5.64 12.11
CA ASP A 32 -24.05 6.42 13.33
C ASP A 32 -22.73 6.30 14.07
N VAL A 33 -22.08 7.43 14.33
CA VAL A 33 -20.80 7.43 15.03
C VAL A 33 -20.78 8.56 16.05
N ALA A 34 -19.87 8.40 17.01
CA ALA A 34 -19.56 9.42 18.00
C ALA A 34 -18.09 9.78 17.86
N LEU A 35 -17.76 11.05 18.14
CA LEU A 35 -16.38 11.56 18.10
C LEU A 35 -15.98 12.02 19.50
N ASP A 36 -14.95 11.38 20.08
CA ASP A 36 -14.56 11.71 21.44
C ASP A 36 -13.47 12.79 21.46
N GLU A 37 -13.00 13.12 22.66
CA GLU A 37 -12.14 14.28 22.81
C GLU A 37 -10.79 14.07 22.13
N SER A 38 -10.36 12.83 21.99
CA SER A 38 -9.09 12.49 21.39
C SER A 38 -9.18 12.34 19.90
N GLY A 39 -10.31 12.73 19.33
CA GLY A 39 -10.48 12.71 17.89
C GLY A 39 -10.80 11.35 17.32
N ASP A 40 -11.11 10.38 18.17
CA ASP A 40 -11.42 9.03 17.70
C ASP A 40 -12.93 8.88 17.45
N PHE A 41 -13.26 8.35 16.28
CA PHE A 41 -14.62 7.97 15.94
C PHE A 41 -14.91 6.58 16.46
N SER A 42 -16.13 6.39 16.93
CA SER A 42 -16.60 5.05 17.30
C SER A 42 -18.03 4.85 16.80
N LEU A 43 -18.38 3.60 16.54
CA LEU A 43 -19.76 3.31 16.18
C LEU A 43 -20.66 3.50 17.37
N VAL A 44 -21.92 3.88 17.09
CA VAL A 44 -22.97 4.02 18.08
C VAL A 44 -24.17 3.17 17.69
N GLU A 45 -24.84 2.59 18.68
CA GLU A 45 -26.12 1.91 18.43
C GLU A 45 -27.23 2.45 19.34
N THR B 17 7.04 25.59 -2.00
CA THR B 17 5.85 26.28 -1.55
C THR B 17 4.72 26.15 -2.57
N THR B 18 5.09 25.64 -3.75
CA THR B 18 4.16 25.41 -4.84
C THR B 18 2.89 24.70 -4.38
N ASP B 19 1.75 25.15 -4.88
CA ASP B 19 0.52 24.43 -4.62
C ASP B 19 0.69 22.99 -5.07
N GLY B 20 0.19 22.06 -4.28
CA GLY B 20 0.13 20.68 -4.73
C GLY B 20 -0.06 19.73 -3.57
N VAL B 21 -0.02 18.44 -3.91
CA VAL B 21 -0.07 17.37 -2.93
C VAL B 21 1.35 16.89 -2.72
N TYR B 22 1.71 16.68 -1.47
CA TYR B 22 3.07 16.31 -1.03
C TYR B 22 3.05 15.05 -0.18
N ARG B 23 4.09 14.20 -0.31
CA ARG B 23 4.38 13.17 0.69
C ARG B 23 5.02 13.76 1.95
N VAL B 24 4.65 13.20 3.11
CA VAL B 24 5.31 13.48 4.38
C VAL B 24 6.21 12.29 4.73
N MET B 25 7.51 12.52 4.81
CA MET B 25 8.51 11.47 4.92
C MET B 25 9.23 11.64 6.25
N THR B 26 9.84 10.55 6.74
N THR B 26 9.84 10.57 6.75
CA THR B 26 10.61 10.59 7.98
CA THR B 26 10.60 10.63 7.99
C THR B 26 11.93 9.86 7.79
C THR B 26 11.89 9.84 7.84
N ARG B 27 12.91 10.25 8.61
CA ARG B 27 14.19 9.54 8.72
C ARG B 27 14.52 9.24 10.18
N GLY B 31 17.15 4.62 6.50
CA GLY B 31 16.09 4.58 5.48
C GLY B 31 14.91 5.55 5.68
N SER B 32 14.22 5.90 4.60
CA SER B 32 13.14 6.87 4.68
C SER B 32 11.78 6.21 4.45
N THR B 33 10.82 6.63 5.28
CA THR B 33 9.46 6.08 5.30
C THR B 33 8.46 7.20 5.06
N GLN B 34 7.38 6.89 4.34
CA GLN B 34 6.29 7.83 4.14
C GLN B 34 5.30 7.64 5.29
N VAL B 35 5.11 8.68 6.09
CA VAL B 35 4.14 8.63 7.18
C VAL B 35 2.81 9.26 6.81
N GLY B 36 2.76 10.07 5.77
CA GLY B 36 1.49 10.63 5.34
C GLY B 36 1.61 11.53 4.13
N VAL B 37 0.62 12.43 4.00
CA VAL B 37 0.40 13.25 2.80
C VAL B 37 -0.16 14.57 3.29
N GLY B 38 -0.01 15.61 2.47
CA GLY B 38 -0.61 16.89 2.80
C GLY B 38 -0.82 17.74 1.59
N VAL B 39 -1.52 18.85 1.80
CA VAL B 39 -1.92 19.77 0.76
C VAL B 39 -1.28 21.12 1.01
N MET B 40 -0.51 21.59 0.05
CA MET B 40 -0.02 22.98 0.02
C MET B 40 -0.98 23.84 -0.79
N GLN B 41 -1.46 24.93 -0.19
CA GLN B 41 -2.37 25.83 -0.90
C GLN B 41 -2.22 27.18 -0.21
N GLU B 42 -2.03 28.23 -1.01
CA GLU B 42 -1.88 29.61 -0.54
C GLU B 42 -0.77 29.72 0.51
N GLY B 43 0.31 29.00 0.27
CA GLY B 43 1.46 29.08 1.14
C GLY B 43 1.30 28.40 2.49
N VAL B 44 0.26 27.60 2.65
CA VAL B 44 -0.02 26.92 3.91
C VAL B 44 -0.06 25.44 3.62
N PHE B 45 0.63 24.66 4.45
CA PHE B 45 0.66 23.21 4.35
C PHE B 45 -0.35 22.64 5.32
N HIS B 46 -1.23 21.81 4.78
CA HIS B 46 -2.30 21.16 5.53
C HIS B 46 -2.10 19.65 5.62
N THR B 47 -2.16 19.09 6.83
CA THR B 47 -2.14 17.64 6.97
C THR B 47 -2.94 17.28 8.22
N MET B 48 -2.97 15.99 8.53
CA MET B 48 -3.70 15.54 9.72
C MET B 48 -2.78 15.49 10.93
N TRP B 49 -3.31 15.87 12.10
CA TRP B 49 -2.47 15.99 13.27
C TRP B 49 -1.72 14.68 13.53
N HIS B 50 -2.42 13.54 13.40
CA HIS B 50 -1.79 12.29 13.77
C HIS B 50 -0.64 11.92 12.85
N VAL B 51 -0.51 12.57 11.70
CA VAL B 51 0.61 12.30 10.80
C VAL B 51 1.92 12.85 11.37
N THR B 52 1.91 14.11 11.83
CA THR B 52 3.10 14.81 12.26
C THR B 52 3.17 15.06 13.77
N LYS B 53 2.04 15.00 14.47
CA LYS B 53 1.96 15.34 15.89
C LYS B 53 2.42 16.75 16.19
N GLY B 54 2.50 17.60 15.17
CA GLY B 54 2.84 19.00 15.35
C GLY B 54 4.30 19.31 15.12
N ALA B 55 5.08 18.33 14.71
CA ALA B 55 6.50 18.57 14.49
C ALA B 55 6.72 19.55 13.35
N ALA B 56 7.85 20.26 13.41
CA ALA B 56 8.28 21.06 12.28
C ALA B 56 8.65 20.14 11.11
N LEU B 57 8.47 20.65 9.90
CA LEU B 57 8.74 19.91 8.68
C LEU B 57 9.86 20.59 7.88
N ARG B 58 10.74 19.78 7.30
CA ARG B 58 11.73 20.25 6.34
C ARG B 58 11.15 20.24 4.94
N SER B 59 11.39 21.32 4.20
CA SER B 59 11.01 21.41 2.79
C SER B 59 12.24 21.93 2.07
N GLY B 60 13.04 21.01 1.55
CA GLY B 60 14.29 21.41 0.92
C GLY B 60 15.20 22.01 1.98
N GLU B 61 15.84 23.13 1.65
CA GLU B 61 16.61 23.85 2.64
C GLU B 61 15.73 24.71 3.56
N GLY B 62 14.40 24.68 3.41
CA GLY B 62 13.52 25.50 4.20
C GLY B 62 12.87 24.74 5.35
N ARG B 63 12.35 25.50 6.32
CA ARG B 63 11.66 24.94 7.48
C ARG B 63 10.22 25.43 7.57
N LEU B 64 9.30 24.49 7.88
CA LEU B 64 7.88 24.79 8.07
C LEU B 64 7.47 24.57 9.52
N ASP B 65 6.97 25.58 10.14
CA ASP B 65 6.62 25.48 11.55
C ASP B 65 5.11 25.43 11.75
N PRO B 66 4.65 24.68 12.76
CA PRO B 66 3.22 24.56 12.98
C PRO B 66 2.63 25.91 13.36
N TYR B 67 1.41 26.16 12.91
CA TYR B 67 0.69 27.41 13.10
C TYR B 67 -0.61 27.21 13.87
N TRP B 68 -1.40 26.24 13.46
CA TRP B 68 -2.65 25.91 14.13
C TRP B 68 -2.82 24.40 14.20
N GLY B 69 -3.39 23.90 15.26
CA GLY B 69 -3.67 22.48 15.25
C GLY B 69 -4.73 22.14 16.27
N ASP B 70 -5.37 20.98 16.05
CA ASP B 70 -6.47 20.55 16.91
C ASP B 70 -6.56 19.03 16.90
N VAL B 71 -6.40 18.42 18.07
CA VAL B 71 -6.39 16.97 18.14
C VAL B 71 -7.76 16.38 17.86
N LYS B 72 -8.83 17.01 18.34
CA LYS B 72 -10.15 16.45 18.10
C LYS B 72 -10.50 16.50 16.61
N GLN B 73 -10.13 17.56 15.91
CA GLN B 73 -10.39 17.56 14.47
C GLN B 73 -9.37 16.72 13.72
N ASP B 74 -8.27 16.38 14.39
CA ASP B 74 -7.13 15.68 13.78
C ASP B 74 -6.58 16.43 12.56
N LEU B 75 -6.38 17.75 12.70
CA LEU B 75 -5.86 18.60 11.64
C LEU B 75 -4.75 19.49 12.19
N VAL B 76 -3.89 19.93 11.27
CA VAL B 76 -2.78 20.82 11.59
C VAL B 76 -2.42 21.59 10.33
N SER B 77 -2.14 22.89 10.48
CA SER B 77 -1.64 23.73 9.38
C SER B 77 -0.27 24.29 9.73
N TYR B 78 0.55 24.53 8.70
CA TYR B 78 1.91 25.03 8.83
C TYR B 78 2.03 26.31 8.02
N CYS B 79 2.72 27.31 8.59
CA CYS B 79 3.05 28.61 8.03
C CYS B 79 1.88 29.59 8.01
N GLY B 80 0.68 29.17 8.28
CA GLY B 80 -0.43 30.07 8.37
C GLY B 80 -1.69 29.29 8.72
N PRO B 81 -2.82 29.99 8.72
CA PRO B 81 -4.09 29.39 9.14
C PRO B 81 -4.68 28.51 8.05
N TRP B 82 -5.52 27.58 8.49
CA TRP B 82 -6.18 26.67 7.57
C TRP B 82 -6.92 27.40 6.46
N LYS B 83 -6.68 26.97 5.22
CA LYS B 83 -7.19 27.66 4.05
C LYS B 83 -8.30 26.94 3.30
N LEU B 84 -8.48 25.65 3.53
CA LEU B 84 -9.35 24.82 2.71
C LEU B 84 -10.77 24.91 3.27
N ASP B 85 -11.74 25.26 2.43
CA ASP B 85 -13.08 25.50 2.96
C ASP B 85 -14.23 24.86 2.17
N ALA B 86 -13.96 24.22 1.04
CA ALA B 86 -15.05 23.60 0.30
C ALA B 86 -15.64 22.40 1.07
N ALA B 87 -16.89 22.06 0.74
CA ALA B 87 -17.59 20.99 1.44
C ALA B 87 -18.33 20.08 0.47
N TRP B 88 -18.38 18.79 0.80
CA TRP B 88 -19.16 17.86 0.04
C TRP B 88 -20.59 18.37 -0.06
N ASP B 89 -21.12 18.30 -1.28
CA ASP B 89 -22.50 18.75 -1.55
C ASP B 89 -23.53 17.71 -1.13
N GLY B 90 -23.11 16.51 -0.76
CA GLY B 90 -24.03 15.51 -0.25
C GLY B 90 -24.75 14.70 -1.30
N LEU B 91 -24.44 14.90 -2.58
CA LEU B 91 -25.13 14.17 -3.64
C LEU B 91 -24.17 13.60 -4.68
N SER B 92 -23.04 14.25 -4.85
CA SER B 92 -22.14 13.99 -5.96
C SER B 92 -20.97 13.11 -5.56
N GLU B 93 -20.48 12.34 -6.53
CA GLU B 93 -19.24 11.62 -6.36
C GLU B 93 -18.09 12.61 -6.21
N VAL B 94 -17.04 12.11 -5.58
CA VAL B 94 -15.85 12.86 -5.21
C VAL B 94 -14.69 11.97 -5.65
N GLN B 95 -13.50 12.54 -5.63
CA GLN B 95 -12.28 11.79 -5.90
C GLN B 95 -11.31 11.91 -4.74
N LEU B 96 -10.84 10.76 -4.26
CA LEU B 96 -9.67 10.72 -3.39
C LEU B 96 -8.44 10.84 -4.29
N LEU B 97 -7.63 11.88 -4.06
CA LEU B 97 -6.30 11.97 -4.68
C LEU B 97 -5.32 11.28 -3.77
N ALA B 98 -5.23 9.95 -3.91
CA ALA B 98 -4.39 9.15 -3.06
C ALA B 98 -2.95 9.27 -3.49
N VAL B 99 -2.06 9.34 -2.51
CA VAL B 99 -0.63 9.27 -2.76
C VAL B 99 -0.04 8.16 -1.90
N PRO B 100 -0.19 6.92 -2.29
CA PRO B 100 0.31 5.82 -1.46
C PRO B 100 1.82 5.79 -1.48
N PRO B 101 2.45 5.23 -0.45
CA PRO B 101 3.91 5.06 -0.48
C PRO B 101 4.34 4.24 -1.70
N GLY B 102 5.41 4.72 -2.36
CA GLY B 102 5.97 4.04 -3.51
C GLY B 102 5.11 4.04 -4.75
N GLU B 103 4.07 4.85 -4.83
CA GLU B 103 3.26 4.92 -6.03
C GLU B 103 2.94 6.38 -6.37
N ARG B 104 2.84 6.65 -7.66
CA ARG B 104 2.53 8.00 -8.10
C ARG B 104 1.11 8.35 -7.63
N ALA B 105 0.86 9.63 -7.46
CA ALA B 105 -0.48 10.07 -7.11
C ALA B 105 -1.50 9.53 -8.09
N LYS B 106 -2.68 9.18 -7.59
CA LYS B 106 -3.72 8.60 -8.43
C LYS B 106 -5.09 9.01 -7.90
N ASN B 107 -6.07 9.16 -8.80
CA ASN B 107 -7.40 9.60 -8.42
C ASN B 107 -8.34 8.42 -8.34
N ILE B 108 -9.08 8.33 -7.23
CA ILE B 108 -10.03 7.26 -7.01
C ILE B 108 -11.40 7.87 -6.78
N GLN B 109 -12.34 7.59 -7.69
CA GLN B 109 -13.66 8.21 -7.64
C GLN B 109 -14.60 7.33 -6.83
N THR B 110 -15.49 7.96 -6.05
CA THR B 110 -16.43 7.21 -5.21
C THR B 110 -17.59 8.12 -4.81
N LEU B 111 -18.74 7.50 -4.47
CA LEU B 111 -19.84 8.24 -3.86
C LEU B 111 -19.72 8.12 -2.35
N PRO B 112 -19.54 9.21 -1.61
CA PRO B 112 -19.39 9.09 -0.15
C PRO B 112 -20.64 8.52 0.50
N GLY B 113 -20.44 7.77 1.58
CA GLY B 113 -21.48 7.56 2.58
C GLY B 113 -21.49 8.70 3.59
N ILE B 114 -22.06 8.44 4.77
CA ILE B 114 -22.33 9.48 5.76
C ILE B 114 -22.00 8.98 7.15
N PHE B 115 -21.28 9.79 7.92
CA PHE B 115 -21.21 9.64 9.36
C PHE B 115 -22.32 10.51 9.96
N LYS B 116 -23.28 9.87 10.61
CA LYS B 116 -24.36 10.58 11.31
C LYS B 116 -23.93 10.79 12.76
N THR B 117 -23.76 12.04 13.16
CA THR B 117 -23.36 12.33 14.54
C THR B 117 -24.38 13.28 15.17
N LYS B 118 -24.11 13.65 16.42
CA LYS B 118 -25.04 14.50 17.15
C LYS B 118 -24.87 15.95 16.77
N ASP B 119 -23.73 16.31 16.21
CA ASP B 119 -23.45 17.67 15.76
C ASP B 119 -23.54 17.79 14.25
N GLY B 120 -24.17 16.81 13.60
CA GLY B 120 -24.41 16.88 12.17
C GLY B 120 -23.73 15.73 11.43
N ASP B 121 -24.02 15.68 10.13
CA ASP B 121 -23.52 14.68 9.24
C ASP B 121 -22.19 15.11 8.62
N ILE B 122 -21.36 14.12 8.37
CA ILE B 122 -20.05 14.28 7.75
C ILE B 122 -19.94 13.25 6.64
N GLY B 123 -19.48 13.68 5.47
CA GLY B 123 -19.25 12.75 4.40
C GLY B 123 -18.17 11.76 4.80
N ALA B 124 -18.26 10.55 4.23
CA ALA B 124 -17.26 9.53 4.50
C ALA B 124 -17.02 8.68 3.26
N VAL B 125 -15.78 8.20 3.09
CA VAL B 125 -15.43 7.37 1.95
C VAL B 125 -14.96 5.99 2.40
N ALA B 126 -15.54 4.95 1.82
CA ALA B 126 -15.29 3.55 2.19
C ALA B 126 -14.17 2.99 1.33
N LEU B 127 -13.02 3.63 1.48
CA LEU B 127 -11.80 3.32 0.77
C LEU B 127 -10.73 3.02 1.81
N ASP B 128 -9.95 1.95 1.56
CA ASP B 128 -8.96 1.40 2.50
C ASP B 128 -7.58 1.36 1.84
N TYR B 129 -6.82 2.45 1.98
CA TYR B 129 -5.46 2.56 1.45
C TYR B 129 -4.43 2.53 2.56
N PRO B 130 -3.14 2.32 2.24
CA PRO B 130 -2.15 2.15 3.32
C PRO B 130 -2.08 3.37 4.22
N ALA B 131 -1.55 3.15 5.44
CA ALA B 131 -1.62 4.18 6.47
C ALA B 131 -0.87 5.44 6.07
N GLY B 132 0.19 5.29 5.28
CA GLY B 132 0.95 6.41 4.82
C GLY B 132 0.24 7.27 3.83
N THR B 133 -0.98 6.90 3.46
CA THR B 133 -1.85 7.69 2.61
C THR B 133 -2.62 8.73 3.43
N SER B 134 -2.53 8.69 4.76
CA SER B 134 -3.30 9.61 5.61
C SER B 134 -2.90 11.05 5.31
N GLY B 135 -3.92 11.94 5.14
CA GLY B 135 -3.66 13.30 4.72
C GLY B 135 -3.89 13.55 3.24
N SER B 136 -4.06 12.50 2.47
CA SER B 136 -4.39 12.67 1.07
C SER B 136 -5.68 13.48 0.90
N PRO B 137 -5.73 14.40 -0.05
CA PRO B 137 -6.96 15.20 -0.24
C PRO B 137 -8.08 14.46 -0.94
N ILE B 138 -9.30 14.85 -0.58
CA ILE B 138 -10.52 14.44 -1.27
C ILE B 138 -11.05 15.66 -2.01
N LEU B 139 -11.39 15.49 -3.30
CA LEU B 139 -11.79 16.58 -4.17
C LEU B 139 -13.25 16.52 -4.64
N ASP B 140 -13.82 17.71 -4.84
CA ASP B 140 -15.08 17.82 -5.56
C ASP B 140 -14.80 18.01 -7.04
N LYS B 141 -15.87 18.13 -7.83
CA LYS B 141 -15.73 18.14 -9.29
C LYS B 141 -14.96 19.35 -9.81
N SER B 142 -14.92 20.45 -9.08
CA SER B 142 -14.19 21.62 -9.53
C SER B 142 -12.72 21.58 -9.12
N GLY B 143 -12.31 20.50 -8.46
CA GLY B 143 -10.96 20.34 -7.99
C GLY B 143 -10.69 20.95 -6.62
N ARG B 144 -11.72 21.46 -5.94
CA ARG B 144 -11.55 22.04 -4.60
C ARG B 144 -11.39 20.92 -3.58
N VAL B 145 -10.50 21.12 -2.60
CA VAL B 145 -10.30 20.11 -1.57
C VAL B 145 -11.44 20.26 -0.56
N ILE B 146 -12.29 19.22 -0.48
CA ILE B 146 -13.38 19.20 0.50
C ILE B 146 -13.00 18.53 1.82
N GLY B 147 -11.78 18.01 1.98
CA GLY B 147 -11.32 17.49 3.26
C GLY B 147 -10.15 16.56 3.01
N LEU B 148 -9.66 15.95 4.09
CA LEU B 148 -8.49 15.07 4.07
C LEU B 148 -8.88 13.65 4.52
N TYR B 149 -8.20 12.65 3.94
CA TYR B 149 -8.44 11.23 4.20
C TYR B 149 -7.56 10.69 5.33
N GLY B 150 -8.15 9.89 6.22
CA GLY B 150 -7.30 9.13 7.16
C GLY B 150 -7.66 9.19 8.64
N ASN B 151 -8.84 9.73 8.98
CA ASN B 151 -9.42 9.57 10.31
C ASN B 151 -10.80 8.95 10.16
N GLY B 152 -11.03 7.78 10.74
CA GLY B 152 -12.22 7.03 10.43
C GLY B 152 -12.59 5.97 11.45
N VAL B 153 -13.37 5.00 11.00
CA VAL B 153 -13.83 3.88 11.82
C VAL B 153 -13.83 2.60 10.98
N VAL B 154 -13.97 1.47 11.67
CA VAL B 154 -14.09 0.16 11.03
C VAL B 154 -15.50 -0.40 11.25
N ILE B 155 -16.10 -0.90 10.18
CA ILE B 155 -17.42 -1.47 10.23
C ILE B 155 -17.33 -2.96 10.47
N SER B 159 -13.98 -3.53 7.38
CA SER B 159 -13.52 -2.53 6.42
C SER B 159 -13.46 -1.11 6.94
N TYR B 160 -12.43 -0.38 6.51
CA TYR B 160 -12.20 0.97 7.00
C TYR B 160 -13.05 1.97 6.21
N VAL B 161 -13.55 2.96 6.92
CA VAL B 161 -14.30 4.07 6.34
C VAL B 161 -13.70 5.35 6.93
N SER B 162 -13.26 6.27 6.06
CA SER B 162 -12.63 7.52 6.45
C SER B 162 -13.67 8.64 6.46
N ALA B 163 -13.70 9.41 7.53
CA ALA B 163 -14.42 10.68 7.42
C ALA B 163 -13.77 11.53 6.33
N ILE B 164 -14.57 12.40 5.71
CA ILE B 164 -14.03 13.51 4.92
C ILE B 164 -13.79 14.68 5.89
N THR B 165 -12.56 14.83 6.36
CA THR B 165 -12.23 15.75 7.45
C THR B 165 -11.83 17.11 6.87
N GLN B 166 -12.65 18.13 7.16
CA GLN B 166 -12.40 19.50 6.71
C GLN B 166 -12.25 20.42 7.91
N GLY B 167 -11.40 21.44 7.75
CA GLY B 167 -11.17 22.45 8.76
C GLY B 167 -12.06 23.65 8.63
N LYS B 168 -11.73 24.68 9.41
CA LYS B 168 -12.47 25.94 9.41
C LYS B 168 -11.55 27.06 8.95
N ARG B 169 -12.02 27.84 7.99
CA ARG B 169 -11.28 28.97 7.45
C ARG B 169 -11.94 30.25 7.96
N ASP C 7 17.66 -6.67 -20.43
CA ASP C 7 16.90 -5.53 -19.94
C ASP C 7 16.80 -5.48 -18.40
N MET C 8 16.86 -6.66 -17.74
CA MET C 8 16.56 -6.80 -16.32
C MET C 8 17.75 -7.36 -15.55
N TYR C 9 17.86 -6.97 -14.27
CA TYR C 9 18.97 -7.44 -13.45
C TYR C 9 18.53 -7.51 -11.99
N ILE C 10 19.23 -8.34 -11.22
CA ILE C 10 18.90 -8.55 -9.82
C ILE C 10 19.97 -7.93 -8.94
N GLU C 11 19.56 -7.48 -7.77
CA GLU C 11 20.51 -7.01 -6.78
C GLU C 11 19.99 -7.31 -5.38
N ARG C 12 20.94 -7.55 -4.49
CA ARG C 12 20.63 -8.07 -3.16
C ARG C 12 19.81 -7.04 -2.37
N ALA C 13 18.80 -7.55 -1.64
CA ALA C 13 18.01 -6.75 -0.71
C ALA C 13 18.04 -7.20 0.75
N GLY C 14 18.49 -8.41 1.06
CA GLY C 14 18.55 -8.81 2.45
C GLY C 14 18.70 -10.30 2.58
N ASP C 15 18.96 -10.73 3.81
CA ASP C 15 18.85 -12.13 4.20
C ASP C 15 17.37 -12.46 4.41
N ILE C 16 17.03 -13.73 4.31
CA ILE C 16 15.66 -14.18 4.55
C ILE C 16 15.57 -14.78 5.97
N THR C 17 14.89 -14.10 6.88
CA THR C 17 14.73 -14.56 8.26
C THR C 17 13.40 -14.06 8.83
N TRP C 18 12.87 -14.80 9.79
CA TRP C 18 11.77 -14.31 10.62
C TRP C 18 12.33 -13.28 11.59
N GLU C 19 11.52 -12.26 11.88
CA GLU C 19 11.87 -11.23 12.85
C GLU C 19 10.92 -11.33 14.04
N LYS C 20 11.49 -11.51 15.24
CA LYS C 20 10.65 -11.80 16.40
C LYS C 20 9.75 -10.63 16.79
N ASP C 21 10.18 -9.40 16.58
CA ASP C 21 9.39 -8.26 17.06
C ASP C 21 8.68 -7.54 15.92
N ALA C 22 8.17 -8.29 14.95
CA ALA C 22 7.58 -7.67 13.79
C ALA C 22 6.18 -7.14 14.08
N GLU C 23 5.83 -6.06 13.37
CA GLU C 23 4.46 -5.56 13.36
C GLU C 23 3.51 -6.68 12.92
N VAL C 24 2.38 -6.81 13.61
CA VAL C 24 1.28 -7.69 13.24
C VAL C 24 0.16 -6.81 12.70
N THR C 25 -0.35 -7.15 11.53
CA THR C 25 -1.41 -6.37 10.92
C THR C 25 -2.11 -7.20 9.87
N GLY C 26 -3.18 -6.63 9.37
CA GLY C 26 -3.97 -7.25 8.32
C GLY C 26 -5.08 -8.11 8.88
N ASN C 27 -6.13 -8.24 8.09
CA ASN C 27 -7.22 -9.14 8.44
C ASN C 27 -7.02 -10.48 7.73
N SER C 28 -8.01 -11.36 7.81
CA SER C 28 -7.90 -12.75 7.37
C SER C 28 -9.14 -13.12 6.59
N PRO C 29 -9.30 -12.57 5.39
CA PRO C 29 -10.57 -12.74 4.67
C PRO C 29 -10.72 -14.10 4.01
N ARG C 30 -11.97 -14.55 3.90
CA ARG C 30 -12.35 -15.74 3.14
C ARG C 30 -13.06 -15.29 1.87
N LEU C 31 -12.42 -15.47 0.73
CA LEU C 31 -12.88 -14.89 -0.53
C LEU C 31 -13.08 -15.99 -1.55
N ASP C 32 -14.22 -16.00 -2.22
CA ASP C 32 -14.36 -16.86 -3.39
C ASP C 32 -13.72 -16.21 -4.62
N VAL C 33 -12.80 -16.92 -5.25
CA VAL C 33 -12.06 -16.40 -6.40
C VAL C 33 -12.03 -17.43 -7.53
N ALA C 34 -11.76 -16.92 -8.73
CA ALA C 34 -11.48 -17.75 -9.88
C ALA C 34 -10.07 -17.45 -10.40
N LEU C 35 -9.41 -18.49 -10.91
CA LEU C 35 -8.11 -18.36 -11.52
C LEU C 35 -8.26 -18.77 -12.98
N ASP C 36 -7.95 -17.86 -13.89
CA ASP C 36 -8.10 -18.18 -15.30
C ASP C 36 -6.81 -18.75 -15.87
N GLU C 37 -6.94 -19.33 -17.06
CA GLU C 37 -5.81 -19.98 -17.72
C GLU C 37 -4.62 -19.04 -17.88
N SER C 38 -4.83 -17.73 -17.81
CA SER C 38 -3.72 -16.78 -17.85
C SER C 38 -3.07 -16.51 -16.48
N GLY C 39 -3.50 -17.18 -15.42
CA GLY C 39 -2.91 -16.98 -14.10
C GLY C 39 -3.42 -15.80 -13.32
N ASP C 40 -4.51 -15.19 -13.76
CA ASP C 40 -5.11 -14.06 -13.07
C ASP C 40 -6.27 -14.51 -12.20
N PHE C 41 -6.32 -13.98 -10.97
CA PHE C 41 -7.39 -14.19 -10.02
C PHE C 41 -8.48 -13.14 -10.21
N SER C 42 -9.74 -13.54 -9.95
CA SER C 42 -10.89 -12.65 -9.97
C SER C 42 -11.82 -13.00 -8.82
N LEU C 43 -12.59 -12.01 -8.36
CA LEU C 43 -13.61 -12.29 -7.36
C LEU C 43 -14.83 -12.90 -8.04
N VAL C 44 -15.51 -13.78 -7.33
CA VAL C 44 -16.66 -14.50 -7.87
C VAL C 44 -17.93 -13.79 -7.45
N GLU C 45 -18.83 -13.54 -8.41
CA GLU C 45 -20.14 -12.99 -8.08
C GLU C 45 -21.05 -14.10 -7.55
N LYS D 13 34.62 -19.66 -1.28
CA LYS D 13 34.84 -21.09 -1.02
C LYS D 13 33.97 -21.96 -1.93
N LYS D 14 34.45 -23.17 -2.23
CA LYS D 14 33.66 -24.07 -3.06
C LYS D 14 32.38 -24.44 -2.33
N GLY D 15 31.24 -24.10 -2.95
CA GLY D 15 29.92 -24.40 -2.42
C GLY D 15 29.21 -23.20 -1.89
N GLU D 16 29.89 -22.07 -1.75
CA GLU D 16 29.33 -20.87 -1.13
C GLU D 16 28.42 -20.15 -2.14
N THR D 17 27.10 -20.35 -2.03
CA THR D 17 26.14 -19.68 -2.90
C THR D 17 25.69 -18.37 -2.27
N THR D 18 24.68 -17.73 -2.88
CA THR D 18 24.31 -16.36 -2.51
C THR D 18 22.85 -16.26 -2.09
N ASP D 19 22.46 -17.00 -1.05
CA ASP D 19 21.07 -17.00 -0.62
C ASP D 19 20.64 -15.60 -0.18
N GLY D 20 19.39 -15.28 -0.45
CA GLY D 20 18.75 -14.10 0.07
C GLY D 20 17.60 -13.66 -0.81
N VAL D 21 17.11 -12.46 -0.51
CA VAL D 21 16.03 -11.83 -1.25
C VAL D 21 16.65 -10.73 -2.11
N TYR D 22 16.18 -10.60 -3.34
CA TYR D 22 16.78 -9.74 -4.35
C TYR D 22 15.71 -8.87 -5.01
N ARG D 23 16.05 -7.61 -5.33
CA ARG D 23 15.20 -6.79 -6.19
C ARG D 23 15.44 -7.13 -7.66
N VAL D 24 14.37 -7.09 -8.45
CA VAL D 24 14.43 -7.27 -9.90
C VAL D 24 14.18 -5.92 -10.55
N MET D 25 15.13 -5.44 -11.33
CA MET D 25 15.11 -4.07 -11.84
C MET D 25 15.24 -4.02 -13.34
N THR D 26 14.82 -2.89 -13.92
CA THR D 26 15.13 -2.60 -15.32
C THR D 26 16.40 -1.74 -15.37
N ARG D 27 17.08 -1.78 -16.50
CA ARG D 27 18.33 -1.02 -16.55
C ARG D 27 18.01 0.46 -16.77
N ARG D 28 19.06 1.28 -16.70
CA ARG D 28 18.92 2.74 -16.71
C ARG D 28 18.08 3.25 -17.88
N LEU D 29 17.89 2.43 -18.92
CA LEU D 29 17.15 2.83 -20.11
C LEU D 29 15.68 3.08 -19.80
N LEU D 30 15.06 2.19 -19.00
CA LEU D 30 13.62 2.16 -18.79
C LEU D 30 13.18 2.90 -17.53
N GLY D 31 14.11 3.53 -16.81
CA GLY D 31 13.83 4.26 -15.60
C GLY D 31 14.56 3.75 -14.38
N SER D 32 15.29 2.63 -14.48
CA SER D 32 15.89 1.95 -13.32
C SER D 32 14.81 1.61 -12.29
N THR D 33 13.71 1.06 -12.77
CA THR D 33 12.52 0.80 -11.97
C THR D 33 12.60 -0.59 -11.35
N GLN D 34 12.20 -0.71 -10.11
CA GLN D 34 12.05 -2.04 -9.52
C GLN D 34 10.74 -2.64 -10.03
N VAL D 35 10.81 -3.72 -10.81
CA VAL D 35 9.61 -4.40 -11.31
C VAL D 35 9.22 -5.61 -10.45
N GLY D 36 10.11 -6.12 -9.60
CA GLY D 36 9.71 -7.19 -8.73
C GLY D 36 10.81 -7.58 -7.77
N VAL D 37 10.69 -8.80 -7.25
CA VAL D 37 11.51 -9.30 -6.16
C VAL D 37 11.62 -10.81 -6.37
N GLY D 38 12.66 -11.41 -5.80
CA GLY D 38 12.74 -12.86 -5.90
C GLY D 38 13.68 -13.40 -4.84
N VAL D 39 13.74 -14.73 -4.79
CA VAL D 39 14.39 -15.47 -3.73
C VAL D 39 15.49 -16.31 -4.34
N MET D 40 16.72 -16.16 -3.83
CA MET D 40 17.86 -16.99 -4.22
C MET D 40 18.03 -18.03 -3.14
N GLN D 41 17.86 -19.30 -3.49
CA GLN D 41 17.96 -20.36 -2.49
C GLN D 41 18.50 -21.60 -3.17
N GLU D 42 19.58 -22.15 -2.63
CA GLU D 42 20.20 -23.33 -3.19
C GLU D 42 20.66 -23.12 -4.63
N GLY D 43 21.18 -21.94 -4.91
CA GLY D 43 21.65 -21.63 -6.26
C GLY D 43 20.56 -21.48 -7.31
N VAL D 44 19.31 -21.29 -6.92
CA VAL D 44 18.21 -21.11 -7.85
C VAL D 44 17.51 -19.80 -7.52
N PHE D 45 17.17 -19.02 -8.54
CA PHE D 45 16.42 -17.78 -8.34
C PHE D 45 14.96 -18.07 -8.61
N HIS D 46 14.11 -17.67 -7.69
CA HIS D 46 12.67 -17.91 -7.73
C HIS D 46 11.91 -16.59 -7.78
N THR D 47 11.03 -16.42 -8.76
CA THR D 47 10.21 -15.18 -8.80
C THR D 47 8.88 -15.53 -9.47
N MET D 48 8.00 -14.54 -9.61
CA MET D 48 6.75 -14.77 -10.29
C MET D 48 6.83 -14.48 -11.80
N TRP D 49 6.09 -15.24 -12.59
CA TRP D 49 6.26 -15.17 -14.04
C TRP D 49 5.98 -13.76 -14.54
N HIS D 50 4.94 -13.12 -14.01
CA HIS D 50 4.54 -11.81 -14.50
C HIS D 50 5.58 -10.73 -14.27
N VAL D 51 6.56 -10.96 -13.40
CA VAL D 51 7.62 -9.97 -13.18
C VAL D 51 8.60 -9.96 -14.35
N THR D 52 9.04 -11.13 -14.79
CA THR D 52 10.06 -11.22 -15.81
C THR D 52 9.57 -11.74 -17.15
N LYS D 53 8.41 -12.37 -17.20
CA LYS D 53 7.85 -12.98 -18.38
C LYS D 53 8.80 -14.03 -18.96
N GLY D 54 9.77 -14.51 -18.17
CA GLY D 54 10.71 -15.51 -18.64
C GLY D 54 12.01 -14.98 -19.19
N ALA D 55 12.23 -13.66 -19.13
CA ALA D 55 13.42 -13.05 -19.68
C ALA D 55 14.67 -13.45 -18.90
N ALA D 56 15.82 -13.34 -19.56
CA ALA D 56 17.10 -13.51 -18.88
C ALA D 56 17.32 -12.38 -17.88
N LEU D 57 18.15 -12.66 -16.88
CA LEU D 57 18.46 -11.71 -15.84
C LEU D 57 19.96 -11.61 -15.69
N ARG D 58 20.46 -10.41 -15.47
CA ARG D 58 21.88 -10.21 -15.23
C ARG D 58 22.13 -10.27 -13.72
N SER D 59 23.11 -11.06 -13.31
CA SER D 59 23.50 -11.15 -11.90
C SER D 59 24.96 -10.74 -11.85
N GLY D 60 25.19 -9.45 -11.73
CA GLY D 60 26.54 -8.94 -11.86
C GLY D 60 26.96 -9.16 -13.28
N GLU D 61 28.09 -9.84 -13.48
CA GLU D 61 28.61 -10.16 -14.81
C GLU D 61 28.04 -11.46 -15.38
N GLY D 62 27.24 -12.20 -14.58
CA GLY D 62 26.66 -13.45 -15.04
C GLY D 62 25.27 -13.23 -15.59
N ARG D 63 24.81 -14.20 -16.38
CA ARG D 63 23.43 -14.27 -16.84
C ARG D 63 22.71 -15.46 -16.22
N LEU D 64 21.46 -15.25 -15.80
CA LEU D 64 20.61 -16.30 -15.26
C LEU D 64 19.55 -16.64 -16.30
N ASP D 65 19.43 -17.90 -16.60
CA ASP D 65 18.49 -18.37 -17.62
C ASP D 65 17.33 -19.12 -16.98
N PRO D 66 16.15 -19.02 -17.57
CA PRO D 66 14.98 -19.70 -17.02
C PRO D 66 15.10 -21.19 -17.19
N TYR D 67 14.66 -21.92 -16.18
CA TYR D 67 14.75 -23.36 -16.11
C TYR D 67 13.39 -24.04 -16.04
N TRP D 68 12.45 -23.50 -15.28
CA TRP D 68 11.09 -24.01 -15.24
C TRP D 68 10.11 -22.86 -15.09
N GLY D 69 8.95 -22.95 -15.70
CA GLY D 69 7.97 -21.89 -15.51
C GLY D 69 6.57 -22.32 -15.83
N ASP D 70 5.61 -21.62 -15.24
CA ASP D 70 4.21 -21.94 -15.46
C ASP D 70 3.39 -20.66 -15.35
N VAL D 71 2.74 -20.27 -16.46
CA VAL D 71 1.97 -19.03 -16.49
C VAL D 71 0.79 -19.09 -15.54
N LYS D 72 0.13 -20.24 -15.44
CA LYS D 72 -1.08 -20.29 -14.62
C LYS D 72 -0.74 -20.22 -13.14
N GLN D 73 0.33 -20.88 -12.71
CA GLN D 73 0.80 -20.74 -11.34
C GLN D 73 1.49 -19.40 -11.10
N ASP D 74 1.96 -18.76 -12.16
CA ASP D 74 2.61 -17.43 -12.15
C ASP D 74 3.94 -17.49 -11.44
N LEU D 75 4.73 -18.53 -11.76
CA LEU D 75 5.99 -18.79 -11.11
C LEU D 75 7.05 -19.16 -12.14
N VAL D 76 8.30 -18.91 -11.77
CA VAL D 76 9.43 -19.21 -12.67
C VAL D 76 10.66 -19.33 -11.81
N SER D 77 11.51 -20.30 -12.15
CA SER D 77 12.82 -20.50 -11.56
C SER D 77 13.91 -20.34 -12.62
N TYR D 78 15.07 -19.90 -12.15
CA TYR D 78 16.26 -19.68 -12.97
C TYR D 78 17.39 -20.51 -12.40
N CYS D 79 18.20 -21.11 -13.28
CA CYS D 79 19.44 -21.80 -12.94
C CYS D 79 19.20 -23.21 -12.43
N GLY D 80 17.97 -23.60 -12.17
CA GLY D 80 17.67 -24.91 -11.66
C GLY D 80 16.20 -25.03 -11.30
N PRO D 81 15.81 -26.19 -10.81
CA PRO D 81 14.41 -26.42 -10.50
C PRO D 81 13.98 -25.67 -9.25
N TRP D 82 12.66 -25.47 -9.17
CA TRP D 82 12.06 -24.86 -8.00
C TRP D 82 12.45 -25.62 -6.73
N LYS D 83 12.95 -24.89 -5.73
CA LYS D 83 13.47 -25.48 -4.51
C LYS D 83 12.58 -25.27 -3.29
N LEU D 84 11.64 -24.32 -3.33
CA LEU D 84 10.86 -23.93 -2.17
C LEU D 84 9.62 -24.82 -2.05
N ASP D 85 9.51 -25.61 -0.98
CA ASP D 85 8.33 -26.43 -0.83
C ASP D 85 7.73 -26.45 0.57
N ALA D 86 8.12 -25.55 1.48
CA ALA D 86 7.37 -25.40 2.73
C ALA D 86 5.95 -24.95 2.43
N ALA D 87 5.01 -25.39 3.26
CA ALA D 87 3.63 -24.97 3.13
C ALA D 87 3.11 -24.27 4.38
N TRP D 88 2.29 -23.26 4.18
CA TRP D 88 1.54 -22.68 5.30
C TRP D 88 0.78 -23.81 5.96
N ASP D 89 0.78 -23.82 7.30
CA ASP D 89 0.12 -24.88 8.03
C ASP D 89 -1.36 -24.62 8.23
N GLY D 90 -1.89 -23.58 7.62
CA GLY D 90 -3.30 -23.27 7.78
C GLY D 90 -3.70 -22.72 9.13
N LEU D 91 -2.79 -22.58 10.05
CA LEU D 91 -3.10 -22.31 11.46
C LEU D 91 -2.36 -21.12 12.00
N SER D 92 -1.08 -21.00 11.67
CA SER D 92 -0.16 -20.09 12.31
C SER D 92 -0.05 -18.79 11.56
N GLU D 93 0.37 -17.75 12.28
CA GLU D 93 0.75 -16.51 11.61
C GLU D 93 2.03 -16.71 10.80
N VAL D 94 2.16 -15.88 9.75
CA VAL D 94 3.28 -15.90 8.82
C VAL D 94 3.83 -14.49 8.73
N GLN D 95 4.97 -14.35 8.04
CA GLN D 95 5.53 -13.03 7.81
C GLN D 95 5.79 -12.79 6.32
N LEU D 96 5.32 -11.65 5.82
CA LEU D 96 5.71 -11.15 4.51
C LEU D 96 7.04 -10.43 4.69
N LEU D 97 8.07 -10.86 3.97
CA LEU D 97 9.32 -10.11 3.91
C LEU D 97 9.19 -9.15 2.73
N ALA D 98 8.58 -8.01 2.98
CA ALA D 98 8.25 -7.08 1.93
C ALA D 98 9.49 -6.35 1.48
N VAL D 99 9.68 -6.27 0.17
CA VAL D 99 10.82 -5.52 -0.41
C VAL D 99 10.22 -4.46 -1.34
N PRO D 100 9.63 -3.38 -0.81
CA PRO D 100 9.01 -2.42 -1.71
C PRO D 100 10.05 -1.59 -2.45
N PRO D 101 9.71 -1.13 -3.65
CA PRO D 101 10.62 -0.24 -4.36
C PRO D 101 11.03 0.98 -3.53
N GLY D 102 12.33 1.23 -3.45
CA GLY D 102 12.82 2.40 -2.76
C GLY D 102 12.87 2.30 -1.26
N GLU D 103 12.53 1.15 -0.69
CA GLU D 103 12.53 1.02 0.76
C GLU D 103 13.23 -0.23 1.23
N ARG D 104 13.78 -0.13 2.43
CA ARG D 104 14.44 -1.26 3.05
C ARG D 104 13.47 -2.42 3.19
N ALA D 105 13.99 -3.64 3.08
CA ALA D 105 13.18 -4.81 3.37
C ALA D 105 12.71 -4.81 4.81
N LYS D 106 11.47 -5.26 5.01
CA LYS D 106 10.83 -5.22 6.31
C LYS D 106 9.86 -6.38 6.46
N ASN D 107 9.77 -6.89 7.69
CA ASN D 107 8.93 -8.05 7.97
C ASN D 107 7.57 -7.60 8.52
N ILE D 108 6.49 -8.15 7.96
CA ILE D 108 5.12 -7.87 8.37
C ILE D 108 4.45 -9.18 8.74
N GLN D 109 3.99 -9.26 9.98
CA GLN D 109 3.36 -10.47 10.48
C GLN D 109 1.85 -10.36 10.25
N THR D 110 1.23 -11.49 9.90
CA THR D 110 -0.21 -11.46 9.65
C THR D 110 -0.72 -12.88 9.78
N LEU D 111 -2.01 -12.98 10.06
CA LEU D 111 -2.70 -14.27 9.90
C LEU D 111 -3.39 -14.34 8.55
N PRO D 112 -3.03 -15.26 7.68
CA PRO D 112 -3.66 -15.33 6.37
C PRO D 112 -5.15 -15.63 6.46
N GLY D 113 -5.89 -15.12 5.49
CA GLY D 113 -7.19 -15.65 5.14
C GLY D 113 -7.06 -16.70 4.06
N ILE D 114 -8.13 -16.87 3.30
CA ILE D 114 -8.26 -18.00 2.39
C ILE D 114 -8.84 -17.55 1.05
N PHE D 115 -8.20 -17.97 -0.06
CA PHE D 115 -8.81 -17.94 -1.39
C PHE D 115 -9.50 -19.28 -1.60
N LYS D 116 -10.82 -19.25 -1.82
CA LYS D 116 -11.60 -20.46 -2.05
C LYS D 116 -11.85 -20.56 -3.55
N THR D 117 -11.37 -21.65 -4.15
CA THR D 117 -11.53 -21.88 -5.58
C THR D 117 -12.22 -23.21 -5.80
N LYS D 118 -12.73 -23.40 -7.01
CA LYS D 118 -13.34 -24.68 -7.37
C LYS D 118 -12.38 -25.86 -7.17
N ASP D 119 -11.06 -25.61 -7.15
CA ASP D 119 -10.06 -26.66 -7.00
C ASP D 119 -9.40 -26.68 -5.64
N GLY D 120 -9.92 -25.95 -4.66
CA GLY D 120 -9.43 -26.03 -3.31
C GLY D 120 -9.11 -24.67 -2.75
N ASP D 121 -8.62 -24.67 -1.52
CA ASP D 121 -8.37 -23.45 -0.77
C ASP D 121 -6.88 -23.19 -0.75
N ILE D 122 -6.53 -21.89 -0.77
CA ILE D 122 -5.17 -21.40 -0.81
C ILE D 122 -5.09 -20.28 0.20
N GLY D 123 -4.03 -20.23 0.99
CA GLY D 123 -3.85 -19.13 1.91
C GLY D 123 -3.62 -17.85 1.14
N ALA D 124 -4.00 -16.73 1.76
CA ALA D 124 -3.96 -15.41 1.16
C ALA D 124 -3.66 -14.39 2.25
N VAL D 125 -2.86 -13.38 1.93
CA VAL D 125 -2.48 -12.36 2.88
C VAL D 125 -3.08 -11.03 2.45
N ALA D 126 -3.73 -10.34 3.39
CA ALA D 126 -4.33 -9.01 3.18
C ALA D 126 -3.33 -7.95 3.62
N LEU D 127 -2.28 -7.82 2.83
CA LEU D 127 -1.24 -6.81 2.95
C LEU D 127 -1.12 -6.13 1.60
N ASP D 128 -1.09 -4.78 1.61
CA ASP D 128 -1.14 -3.96 0.39
C ASP D 128 0.17 -3.19 0.16
N TYR D 129 0.96 -3.67 -0.81
CA TYR D 129 2.19 -3.05 -1.29
C TYR D 129 2.15 -2.79 -2.80
N PRO D 130 2.98 -1.87 -3.30
CA PRO D 130 2.99 -1.64 -4.76
C PRO D 130 3.37 -2.88 -5.55
N ALA D 131 3.02 -2.82 -6.84
CA ALA D 131 3.22 -3.95 -7.74
C ALA D 131 4.67 -4.42 -7.83
N GLY D 132 5.65 -3.54 -7.65
CA GLY D 132 7.06 -3.92 -7.74
C GLY D 132 7.56 -4.71 -6.56
N THR D 133 6.69 -4.91 -5.57
CA THR D 133 6.93 -5.80 -4.44
C THR D 133 6.69 -7.26 -4.80
N SER D 134 6.06 -7.53 -5.96
CA SER D 134 5.76 -8.89 -6.38
C SER D 134 7.00 -9.77 -6.39
N GLY D 135 6.84 -10.98 -5.86
CA GLY D 135 7.90 -11.93 -5.68
C GLY D 135 8.51 -11.93 -4.31
N SER D 136 8.06 -11.02 -3.41
CA SER D 136 8.58 -11.00 -2.04
C SER D 136 8.19 -12.28 -1.31
N PRO D 137 9.08 -12.87 -0.50
CA PRO D 137 8.78 -14.16 0.13
C PRO D 137 7.92 -14.01 1.38
N ILE D 138 7.02 -14.98 1.55
CA ILE D 138 6.21 -15.17 2.74
C ILE D 138 6.81 -16.32 3.51
N LEU D 139 6.99 -16.12 4.82
CA LEU D 139 7.74 -17.03 5.67
C LEU D 139 6.94 -17.68 6.80
N ASP D 140 7.31 -18.91 7.16
CA ASP D 140 6.81 -19.53 8.39
C ASP D 140 7.76 -19.20 9.55
N LYS D 141 7.38 -19.66 10.76
CA LYS D 141 8.14 -19.32 11.97
C LYS D 141 9.56 -19.84 11.92
N SER D 142 9.79 -20.93 11.18
CA SER D 142 11.13 -21.47 10.94
C SER D 142 11.97 -20.59 10.05
N GLY D 143 11.38 -19.58 9.42
CA GLY D 143 12.10 -18.83 8.40
C GLY D 143 12.06 -19.44 7.03
N ARG D 144 11.30 -20.52 6.84
CA ARG D 144 11.20 -21.13 5.52
C ARG D 144 10.22 -20.39 4.63
N VAL D 145 10.50 -20.37 3.34
CA VAL D 145 9.62 -19.64 2.43
C VAL D 145 8.45 -20.54 2.05
N ILE D 146 7.23 -20.11 2.42
CA ILE D 146 6.03 -20.89 2.13
C ILE D 146 5.31 -20.42 0.88
N GLY D 147 5.85 -19.42 0.21
CA GLY D 147 5.30 -18.90 -1.04
C GLY D 147 5.77 -17.49 -1.31
N LEU D 148 5.36 -16.98 -2.48
CA LEU D 148 5.66 -15.63 -2.92
C LEU D 148 4.38 -14.79 -3.00
N TYR D 149 4.56 -13.49 -2.74
CA TYR D 149 3.54 -12.46 -2.67
C TYR D 149 3.47 -11.76 -4.01
N GLY D 150 2.27 -11.49 -4.50
CA GLY D 150 2.18 -10.75 -5.72
C GLY D 150 1.18 -11.16 -6.78
N ASN D 151 0.41 -12.24 -6.58
CA ASN D 151 -0.67 -12.62 -7.49
C ASN D 151 -1.93 -12.71 -6.65
N GLY D 152 -2.84 -11.82 -6.91
CA GLY D 152 -4.00 -11.69 -6.04
C GLY D 152 -5.11 -10.91 -6.71
N VAL D 153 -5.86 -10.18 -5.88
CA VAL D 153 -7.05 -9.46 -6.31
C VAL D 153 -7.17 -8.13 -5.59
N VAL D 154 -7.82 -7.17 -6.25
CA VAL D 154 -8.19 -5.90 -5.65
C VAL D 154 -9.65 -5.99 -5.23
N ILE D 155 -9.94 -5.64 -3.98
CA ILE D 155 -11.27 -5.81 -3.46
C ILE D 155 -11.99 -4.47 -3.49
N LYS D 156 -13.22 -4.46 -3.01
CA LYS D 156 -14.12 -3.38 -3.37
C LYS D 156 -13.72 -2.07 -2.71
N ASN D 157 -13.01 -2.11 -1.59
CA ASN D 157 -12.65 -0.89 -0.87
C ASN D 157 -11.30 -0.35 -1.32
N GLY D 158 -10.72 -0.96 -2.36
CA GLY D 158 -9.53 -0.45 -2.99
C GLY D 158 -8.27 -1.14 -2.56
N SER D 159 -8.34 -1.97 -1.51
CA SER D 159 -7.16 -2.66 -0.99
C SER D 159 -6.87 -3.94 -1.76
N TYR D 160 -5.77 -4.60 -1.39
CA TYR D 160 -5.24 -5.73 -2.16
C TYR D 160 -5.10 -6.96 -1.27
N VAL D 161 -5.41 -8.11 -1.83
CA VAL D 161 -5.19 -9.41 -1.17
C VAL D 161 -4.42 -10.32 -2.12
N SER D 162 -3.28 -10.88 -1.63
CA SER D 162 -2.41 -11.74 -2.42
C SER D 162 -2.55 -13.21 -2.04
N ALA D 163 -2.56 -14.09 -3.04
CA ALA D 163 -2.39 -15.51 -2.78
C ALA D 163 -1.02 -15.73 -2.14
N ILE D 164 -0.91 -16.81 -1.37
CA ILE D 164 0.39 -17.38 -0.99
C ILE D 164 0.69 -18.41 -2.08
N THR D 165 1.47 -18.02 -3.08
CA THR D 165 1.71 -18.83 -4.27
C THR D 165 2.99 -19.64 -4.06
N GLN D 166 2.87 -20.96 -4.02
CA GLN D 166 4.01 -21.84 -3.82
C GLN D 166 4.13 -22.85 -4.96
N GLY D 167 5.38 -23.20 -5.26
CA GLY D 167 5.68 -24.18 -6.30
C GLY D 167 5.77 -25.59 -5.75
N LYS D 168 6.19 -26.50 -6.63
CA LYS D 168 6.50 -27.86 -6.25
C LYS D 168 7.99 -28.09 -6.49
N ARG D 169 8.64 -28.73 -5.52
CA ARG D 169 10.04 -29.16 -5.65
C ARG D 169 10.19 -30.53 -6.32
N1 A1CDV E . -1.27 -3.18 -4.27
C4 A1CDV E . -0.97 -4.78 -6.04
C5 A1CDV E . 0.15 -5.29 -5.40
C6 A1CDV E . 0.88 -6.26 -6.05
C8 A1CDV E . 0.50 -6.69 -7.29
C10 A1CDV E . -1.32 -5.25 -7.28
C2 A1CDV E . -1.80 -3.73 -5.33
N11 A1CDV E . -2.45 -4.86 -7.85
N9 A1CDV E . -0.58 -6.19 -7.90
O3 A1CDV E . -2.93 -3.44 -5.77
BR7 A1CDV E . 2.37 -7.05 -5.18
H1A A1CDV E . -1.75 -2.56 -3.86
H1B A1CDV E . -0.46 -3.44 -4.03
H5 A1CDV E . 0.43 -4.98 -4.51
H8 A1CDV E . 1.00 -7.37 -7.80
H11B A1CDV E . -2.94 -4.30 -7.37
H11A A1CDV E . -2.61 -5.20 -8.65
#